data_3CMY
#
_entry.id   3CMY
#
_cell.length_a   43.325
_cell.length_b   62.243
_cell.length_c   92.556
_cell.angle_alpha   90.00
_cell.angle_beta   90.00
_cell.angle_gamma   90.00
#
_symmetry.space_group_name_H-M   'C 2 2 21'
#
loop_
_entity.id
_entity.type
_entity.pdbx_description
1 polymer 'Paired box protein Pax-3'
2 polymer "5'-D(*DAP*DCP*DAP*DTP*DAP*DAP*DP*DCP*DGP*DAP*DTP*DTP*DAP*DC)-3'"
3 polymer "5'-D(*DTP*DGP*DTP*DAP*DAP*DTP*DCP*DGP*DAP*DTP*DTP*DAP*DTP*DG)-3'"
4 non-polymer 1,2-ETHANEDIOL
5 water water
#
loop_
_entity_poly.entity_id
_entity_poly.type
_entity_poly.pdbx_seq_one_letter_code
_entity_poly.pdbx_strand_id
1 'polypeptide(L)' GQRRSRTTFTAEQLEELERAFERTHYPDIYTREELAQRAKLTEARVQVWFSNRRARWRKQA A
2 'polydeoxyribonucleotide' (DA)(DC)(DA)(DT)(DA)(DA)(DT)(DC)(DG)(DA)(DT)(DT)(DA)(DC) B
3 'polydeoxyribonucleotide' (DT)(DG)(DT)(DA)(DA)(DT)(DC)(DG)(DA)(DT)(DT)(DA)(DT)(DG) C
#
# COMPACT_ATOMS: atom_id res chain seq x y z
N GLY A 1 20.89 7.05 13.36
CA GLY A 1 19.80 6.09 13.73
C GLY A 1 18.50 6.67 13.24
N GLN A 2 18.62 7.76 12.51
CA GLN A 2 17.45 8.40 11.88
C GLN A 2 16.73 7.43 10.94
N ARG A 3 15.42 7.41 11.06
CA ARG A 3 14.57 6.59 10.18
C ARG A 3 13.85 7.48 9.19
N ARG A 4 13.36 6.88 8.12
CA ARG A 4 12.55 7.61 7.14
C ARG A 4 11.35 8.25 7.82
N SER A 5 11.08 9.49 7.45
CA SER A 5 9.91 10.22 7.97
C SER A 5 8.63 9.54 7.56
N ARG A 6 7.66 9.54 8.45
CA ARG A 6 6.35 8.91 8.16
C ARG A 6 5.78 9.53 6.88
N THR A 7 5.43 8.66 5.94
CA THR A 7 4.78 9.06 4.70
C THR A 7 3.33 9.38 4.96
N THR A 8 2.88 10.44 4.31
CA THR A 8 1.47 10.81 4.28
C THR A 8 0.87 10.51 2.92
N PHE A 9 -0.22 9.77 2.93
CA PHE A 9 -0.93 9.40 1.69
C PHE A 9 -2.08 10.34 1.40
N THR A 10 -2.18 10.69 0.11
CA THR A 10 -3.28 11.48 -0.42
C THR A 10 -4.52 10.61 -0.46
N ALA A 11 -5.67 11.26 -0.45
CA ALA A 11 -6.93 10.53 -0.35
C ALA A 11 -6.95 9.62 -1.54
N GLU A 12 -6.37 10.14 -2.61
CA GLU A 12 -6.41 9.49 -3.93
C GLU A 12 -5.55 8.22 -3.95
N GLN A 13 -4.46 8.28 -3.21
CA GLN A 13 -3.51 7.16 -3.18
C GLN A 13 -4.14 6.06 -2.34
N LEU A 14 -4.78 6.50 -1.27
CA LEU A 14 -5.42 5.57 -0.35
C LEU A 14 -6.50 4.80 -1.09
N GLU A 15 -7.12 5.49 -2.02
CA GLU A 15 -8.23 4.89 -2.79
C GLU A 15 -7.70 3.71 -3.57
N GLU A 16 -6.67 4.00 -4.36
CA GLU A 16 -6.01 2.96 -5.17
C GLU A 16 -5.53 1.80 -4.30
N LEU A 17 -5.02 2.12 -3.13
CA LEU A 17 -4.40 1.11 -2.26
C LEU A 17 -5.50 0.21 -1.69
N GLU A 18 -6.57 0.83 -1.25
CA GLU A 18 -7.65 0.12 -0.56
C GLU A 18 -8.35 -0.71 -1.63
N ARG A 19 -8.31 -0.19 -2.85
CA ARG A 19 -8.94 -0.87 -3.99
CA ARG A 19 -8.94 -0.87 -4.00
C ARG A 19 -8.20 -2.17 -4.25
N ALA A 20 -6.89 -2.09 -4.19
CA ALA A 20 -6.04 -3.26 -4.45
C ALA A 20 -6.22 -4.31 -3.36
N PHE A 21 -6.39 -3.82 -2.13
CA PHE A 21 -6.39 -4.69 -0.94
C PHE A 21 -7.66 -5.51 -0.96
N GLU A 22 -8.66 -4.89 -1.55
CA GLU A 22 -10.00 -5.48 -1.61
CA GLU A 22 -9.98 -5.49 -1.58
C GLU A 22 -9.93 -6.70 -2.50
N ARG A 23 -9.01 -6.63 -3.46
CA ARG A 23 -8.83 -7.69 -4.45
C ARG A 23 -7.94 -8.78 -3.88
N THR A 24 -6.89 -8.35 -3.21
CA THR A 24 -5.94 -9.28 -2.61
C THR A 24 -5.10 -8.65 -1.52
N HIS A 25 -4.86 -9.43 -0.47
CA HIS A 25 -4.15 -8.94 0.75
C HIS A 25 -2.65 -9.06 0.58
N TYR A 26 -2.28 -9.86 -0.40
CA TYR A 26 -0.89 -10.22 -0.74
C TYR A 26 -0.62 -10.09 -2.25
N PRO A 27 -0.61 -8.86 -2.76
CA PRO A 27 -0.33 -8.61 -4.17
C PRO A 27 1.10 -9.01 -4.54
N ASP A 28 1.22 -9.60 -5.72
CA ASP A 28 2.54 -10.02 -6.24
C ASP A 28 3.33 -8.80 -6.69
N ILE A 29 4.57 -9.06 -7.07
CA ILE A 29 5.50 -7.98 -7.42
C ILE A 29 4.95 -7.18 -8.59
N TYR A 30 4.26 -7.88 -9.48
CA TYR A 30 3.75 -7.26 -10.70
C TYR A 30 2.70 -6.23 -10.32
N THR A 31 1.85 -6.66 -9.41
CA THR A 31 0.71 -5.85 -9.00
C THR A 31 1.20 -4.64 -8.21
N ARG A 32 2.18 -4.90 -7.34
CA ARG A 32 2.70 -3.83 -6.46
C ARG A 32 3.39 -2.77 -7.30
N GLU A 33 4.10 -3.20 -8.34
CA GLU A 33 4.82 -2.25 -9.22
C GLU A 33 3.84 -1.37 -10.00
N GLU A 34 2.79 -2.00 -10.53
CA GLU A 34 1.84 -1.25 -11.38
C GLU A 34 1.05 -0.28 -10.53
N LEU A 35 0.87 -0.67 -9.28
CA LEU A 35 0.10 0.12 -8.33
C LEU A 35 0.94 1.30 -7.88
N ALA A 36 2.23 1.04 -7.73
CA ALA A 36 3.17 2.08 -7.32
C ALA A 36 3.15 3.16 -8.39
N GLN A 37 3.06 2.71 -9.63
CA GLN A 37 3.19 3.61 -10.78
C GLN A 37 1.99 4.52 -10.84
N ARG A 38 0.85 3.85 -10.79
CA ARG A 38 -0.47 4.51 -10.80
C ARG A 38 -0.60 5.55 -9.70
N ALA A 39 0.00 5.24 -8.56
CA ALA A 39 -0.24 5.98 -7.31
C ALA A 39 0.85 7.00 -7.08
N LYS A 40 1.84 6.93 -7.95
CA LYS A 40 3.03 7.77 -7.81
C LYS A 40 3.65 7.53 -6.44
N LEU A 41 3.79 6.25 -6.12
CA LEU A 41 4.58 5.78 -4.95
C LEU A 41 5.72 4.88 -5.42
N THR A 42 6.69 4.66 -4.54
CA THR A 42 7.68 3.58 -4.73
C THR A 42 7.05 2.24 -4.39
N GLU A 43 7.59 1.18 -4.97
CA GLU A 43 7.09 -0.17 -4.72
C GLU A 43 7.33 -0.50 -3.24
N ALA A 44 8.36 0.12 -2.67
CA ALA A 44 8.71 -0.12 -1.26
C ALA A 44 7.60 0.41 -0.36
N ARG A 45 7.12 1.59 -0.70
CA ARG A 45 6.12 2.23 0.13
C ARG A 45 4.84 1.39 0.04
N VAL A 46 4.60 0.82 -1.13
CA VAL A 46 3.38 0.05 -1.39
C VAL A 46 3.40 -1.23 -0.55
N GLN A 47 4.55 -1.87 -0.54
CA GLN A 47 4.74 -3.13 0.17
C GLN A 47 4.53 -2.93 1.66
N VAL A 48 5.09 -1.84 2.16
CA VAL A 48 4.97 -1.49 3.58
C VAL A 48 3.50 -1.22 3.93
N TRP A 49 2.82 -0.50 3.04
CA TRP A 49 1.41 -0.19 3.28
C TRP A 49 0.57 -1.44 3.43
N PHE A 50 0.89 -2.45 2.63
CA PHE A 50 0.08 -3.68 2.57
C PHE A 50 0.28 -4.50 3.84
N SER A 51 1.50 -4.46 4.34
CA SER A 51 1.83 -5.17 5.57
C SER A 51 1.02 -4.58 6.73
N ASN A 52 1.01 -3.26 6.75
CA ASN A 52 0.37 -2.49 7.83
C ASN A 52 -1.16 -2.56 7.73
N ARG A 53 -1.63 -2.75 6.51
CA ARG A 53 -3.08 -2.82 6.25
C ARG A 53 -3.61 -4.17 6.71
N ARG A 54 -2.78 -5.20 6.50
CA ARG A 54 -3.12 -6.56 6.89
C ARG A 54 -3.24 -6.58 8.41
N ALA A 55 -2.33 -5.85 9.05
CA ALA A 55 -2.30 -5.81 10.51
C ALA A 55 -3.63 -5.24 11.02
N ARG A 56 -4.07 -4.16 10.37
CA ARG A 56 -5.31 -3.46 10.77
C ARG A 56 -6.53 -4.37 10.59
N TRP A 57 -6.40 -5.26 9.63
CA TRP A 57 -7.54 -6.06 9.19
C TRP A 57 -7.79 -7.12 10.24
N ARG A 58 -6.66 -7.64 10.75
CA ARG A 58 -6.66 -8.77 11.69
C ARG A 58 -6.99 -8.24 13.06
N LYS A 59 -6.70 -6.97 13.25
CA LYS A 59 -6.80 -6.33 14.57
C LYS A 59 -8.27 -6.28 14.87
N GLN A 60 -9.03 -6.17 13.79
CA GLN A 60 -10.48 -6.04 13.90
C GLN A 60 -11.01 -6.85 15.08
N GLY A 1 20.89 7.05 13.36
CA GLY A 1 19.80 6.09 13.73
C GLY A 1 18.50 6.67 13.24
N GLN A 2 18.62 7.76 12.51
CA GLN A 2 17.45 8.40 11.88
C GLN A 2 16.73 7.43 10.94
N ARG A 3 15.42 7.41 11.06
CA ARG A 3 14.57 6.59 10.18
C ARG A 3 13.85 7.48 9.19
N ARG A 4 13.36 6.88 8.12
CA ARG A 4 12.55 7.61 7.14
C ARG A 4 11.35 8.25 7.82
N SER A 5 11.08 9.49 7.45
CA SER A 5 9.91 10.22 7.97
C SER A 5 8.63 9.54 7.56
N ARG A 6 7.66 9.54 8.45
CA ARG A 6 6.35 8.91 8.16
C ARG A 6 5.78 9.53 6.88
N THR A 7 5.43 8.66 5.94
CA THR A 7 4.78 9.06 4.70
C THR A 7 3.33 9.38 4.96
N THR A 8 2.88 10.44 4.31
CA THR A 8 1.47 10.81 4.28
C THR A 8 0.87 10.51 2.92
N PHE A 9 -0.22 9.77 2.93
CA PHE A 9 -0.93 9.40 1.69
C PHE A 9 -2.08 10.34 1.40
N THR A 10 -2.18 10.69 0.11
CA THR A 10 -3.28 11.48 -0.42
C THR A 10 -4.52 10.61 -0.46
N ALA A 11 -5.67 11.26 -0.45
CA ALA A 11 -6.93 10.53 -0.35
C ALA A 11 -6.95 9.62 -1.54
N GLU A 12 -6.37 10.14 -2.61
CA GLU A 12 -6.41 9.49 -3.93
C GLU A 12 -5.55 8.22 -3.95
N GLN A 13 -4.46 8.28 -3.21
CA GLN A 13 -3.51 7.16 -3.18
C GLN A 13 -4.14 6.06 -2.34
N LEU A 14 -4.78 6.50 -1.27
CA LEU A 14 -5.42 5.57 -0.35
C LEU A 14 -6.50 4.80 -1.09
N GLU A 15 -7.12 5.49 -2.02
CA GLU A 15 -8.23 4.89 -2.79
C GLU A 15 -7.70 3.71 -3.57
N GLU A 16 -6.67 4.00 -4.36
CA GLU A 16 -6.01 2.96 -5.17
C GLU A 16 -5.53 1.80 -4.30
N LEU A 17 -5.02 2.12 -3.13
CA LEU A 17 -4.40 1.11 -2.26
C LEU A 17 -5.50 0.21 -1.69
N GLU A 18 -6.57 0.83 -1.25
CA GLU A 18 -7.65 0.12 -0.56
C GLU A 18 -8.35 -0.71 -1.63
N ARG A 19 -8.31 -0.19 -2.85
CA ARG A 19 -8.94 -0.87 -3.99
CA ARG A 19 -8.94 -0.87 -4.00
C ARG A 19 -8.20 -2.17 -4.25
N ALA A 20 -6.89 -2.09 -4.19
CA ALA A 20 -6.04 -3.26 -4.45
C ALA A 20 -6.22 -4.31 -3.36
N PHE A 21 -6.39 -3.82 -2.13
CA PHE A 21 -6.39 -4.69 -0.94
C PHE A 21 -7.66 -5.51 -0.96
N GLU A 22 -8.66 -4.89 -1.55
CA GLU A 22 -10.00 -5.48 -1.61
CA GLU A 22 -9.98 -5.49 -1.58
C GLU A 22 -9.93 -6.70 -2.50
N ARG A 23 -9.01 -6.63 -3.46
CA ARG A 23 -8.83 -7.69 -4.45
C ARG A 23 -7.94 -8.78 -3.88
N THR A 24 -6.89 -8.35 -3.21
CA THR A 24 -5.94 -9.28 -2.61
C THR A 24 -5.10 -8.65 -1.52
N HIS A 25 -4.86 -9.43 -0.47
CA HIS A 25 -4.15 -8.94 0.75
C HIS A 25 -2.65 -9.06 0.58
N TYR A 26 -2.28 -9.86 -0.40
CA TYR A 26 -0.89 -10.22 -0.74
C TYR A 26 -0.62 -10.09 -2.25
N PRO A 27 -0.61 -8.86 -2.76
CA PRO A 27 -0.33 -8.61 -4.17
C PRO A 27 1.10 -9.01 -4.54
N ASP A 28 1.22 -9.60 -5.72
CA ASP A 28 2.54 -10.02 -6.24
C ASP A 28 3.33 -8.80 -6.69
N ILE A 29 4.57 -9.06 -7.07
CA ILE A 29 5.50 -7.98 -7.42
C ILE A 29 4.95 -7.18 -8.59
N TYR A 30 4.26 -7.88 -9.48
CA TYR A 30 3.75 -7.26 -10.70
C TYR A 30 2.70 -6.23 -10.32
N THR A 31 1.85 -6.66 -9.41
CA THR A 31 0.71 -5.85 -9.00
C THR A 31 1.20 -4.64 -8.21
N ARG A 32 2.18 -4.90 -7.34
CA ARG A 32 2.70 -3.83 -6.46
C ARG A 32 3.39 -2.77 -7.30
N GLU A 33 4.10 -3.20 -8.34
CA GLU A 33 4.82 -2.25 -9.22
C GLU A 33 3.84 -1.37 -10.00
N GLU A 34 2.79 -2.00 -10.53
CA GLU A 34 1.84 -1.25 -11.38
C GLU A 34 1.05 -0.28 -10.53
N LEU A 35 0.87 -0.67 -9.28
CA LEU A 35 0.10 0.12 -8.33
C LEU A 35 0.94 1.30 -7.88
N ALA A 36 2.23 1.04 -7.73
CA ALA A 36 3.17 2.08 -7.32
C ALA A 36 3.15 3.16 -8.39
N GLN A 37 3.06 2.71 -9.63
CA GLN A 37 3.19 3.61 -10.78
C GLN A 37 1.99 4.52 -10.84
N ARG A 38 0.85 3.85 -10.79
CA ARG A 38 -0.47 4.51 -10.80
C ARG A 38 -0.60 5.55 -9.70
N ALA A 39 0.00 5.24 -8.56
CA ALA A 39 -0.24 5.98 -7.31
C ALA A 39 0.85 7.00 -7.08
N LYS A 40 1.84 6.93 -7.95
CA LYS A 40 3.03 7.77 -7.81
C LYS A 40 3.65 7.53 -6.44
N LEU A 41 3.79 6.25 -6.12
CA LEU A 41 4.58 5.78 -4.95
C LEU A 41 5.72 4.88 -5.42
N THR A 42 6.69 4.66 -4.54
CA THR A 42 7.68 3.58 -4.73
C THR A 42 7.05 2.24 -4.39
N GLU A 43 7.59 1.18 -4.97
CA GLU A 43 7.09 -0.17 -4.72
C GLU A 43 7.33 -0.50 -3.24
N ALA A 44 8.36 0.12 -2.67
CA ALA A 44 8.71 -0.12 -1.26
C ALA A 44 7.60 0.41 -0.36
N ARG A 45 7.12 1.59 -0.70
CA ARG A 45 6.12 2.23 0.13
C ARG A 45 4.84 1.39 0.04
N VAL A 46 4.60 0.82 -1.13
CA VAL A 46 3.38 0.05 -1.39
C VAL A 46 3.40 -1.23 -0.55
N GLN A 47 4.55 -1.87 -0.54
CA GLN A 47 4.74 -3.13 0.17
C GLN A 47 4.53 -2.93 1.66
N VAL A 48 5.09 -1.84 2.16
CA VAL A 48 4.97 -1.49 3.58
C VAL A 48 3.50 -1.22 3.93
N TRP A 49 2.82 -0.50 3.04
CA TRP A 49 1.41 -0.19 3.28
C TRP A 49 0.57 -1.44 3.43
N PHE A 50 0.89 -2.45 2.63
CA PHE A 50 0.08 -3.68 2.57
C PHE A 50 0.28 -4.50 3.84
N SER A 51 1.50 -4.46 4.34
CA SER A 51 1.83 -5.17 5.57
C SER A 51 1.02 -4.58 6.73
N ASN A 52 1.01 -3.26 6.75
CA ASN A 52 0.37 -2.49 7.83
C ASN A 52 -1.16 -2.56 7.73
N ARG A 53 -1.63 -2.75 6.51
CA ARG A 53 -3.08 -2.82 6.25
C ARG A 53 -3.61 -4.17 6.71
N ARG A 54 -2.78 -5.20 6.50
CA ARG A 54 -3.12 -6.56 6.89
C ARG A 54 -3.24 -6.58 8.41
N ALA A 55 -2.33 -5.85 9.05
CA ALA A 55 -2.30 -5.81 10.51
C ALA A 55 -3.63 -5.24 11.02
N ARG A 56 -4.07 -4.16 10.37
CA ARG A 56 -5.31 -3.46 10.77
C ARG A 56 -6.53 -4.37 10.59
N TRP A 57 -6.40 -5.26 9.63
CA TRP A 57 -7.54 -6.06 9.19
C TRP A 57 -7.79 -7.12 10.24
N ARG A 58 -6.66 -7.64 10.75
CA ARG A 58 -6.66 -8.77 11.69
C ARG A 58 -6.99 -8.24 13.06
N LYS A 59 -6.70 -6.97 13.25
CA LYS A 59 -6.80 -6.33 14.57
C LYS A 59 -8.27 -6.28 14.87
N GLN A 60 -9.03 -6.17 13.79
CA GLN A 60 -10.48 -6.04 13.90
C GLN A 60 -11.01 -6.85 15.08
#